data_7AC6
#
_entry.id   7AC6
#
_cell.length_a   101.760
_cell.length_b   110.230
_cell.length_c   109.820
_cell.angle_alpha   90.000
_cell.angle_beta   90.000
_cell.angle_gamma   90.000
#
_symmetry.space_group_name_H-M   'C 2 2 21'
#
loop_
_entity.id
_entity.type
_entity.pdbx_description
1 polymer 'Di-or tripeptide:H+ symporter'
2 polymer 'Di-or tripeptide:H+ symporter'
3 non-polymer 'PHOSPHATE ION'
4 non-polymer (2S)-2,3-DIHYDROXYPROPYL(7Z)-PENTADEC-7-ENOATE
5 non-polymer 2-(2-METHOXYETHOXY)ETHANOL
6 non-polymer 'TRIETHYLENE GLYCOL'
7 water water
#
loop_
_entity_poly.entity_id
_entity_poly.type
_entity_poly.pdbx_seq_one_letter_code
_entity_poly.pdbx_strand_id
1 'polypeptide(L)'
;MEDKGKTFFGQPLGLSTLFMTEMWERFSYYGMRAILLYYMWFLISTGDLHITRATAASIMAIYASMVYLSGTIGGFVADR
IIGARPAVFWGGVLIMLGHIVLALPFGASALFGSIILIIIGTGFLKPNVSTLVGTLYDEHDRRRDAGFSIFVFGINLGAF
IAPLIVGAAQEAAGYHVAFSLAAIGMFIGLLVYYFGGKKTLDPHYLRPTDPLAPEEVKPLLVKVSLAVAGFIAIIVVMNL
VGWNSLPAYINLLTIVAIAIPVFYFAWMISSVKVTSTEHLRVVSYIPLFIAAVLFWAIEEQGSVVLATFAAERVDSSWFP
VSWFQSLNPLFIMLYTPFFAWLWTAWKKNQPSSPTKFAVGLMFAGLSFLLMAIPGALYGTSGKVSPLWLVGSWALVILGE
MLISPVGLSVTTKLAPKAFNSQMMSMWFLSSSVGSALNAQLVTLYNAKSEVAYFSYFGLGSVVLGIVLVFLSKRIQGL
;
A
2 'polypeptide(L)' AF Y
#
# COMPACT_ATOMS: atom_id res chain seq x y z
N GLY A 5 -17.24 -26.46 -17.60
CA GLY A 5 -15.99 -26.57 -18.33
C GLY A 5 -14.79 -26.16 -17.51
N LYS A 6 -13.63 -26.13 -18.16
CA LYS A 6 -12.40 -25.76 -17.47
C LYS A 6 -12.46 -24.32 -17.00
N THR A 7 -12.19 -24.10 -15.72
CA THR A 7 -12.19 -22.78 -15.12
C THR A 7 -11.03 -22.69 -14.14
N PHE A 8 -10.77 -21.47 -13.67
CA PHE A 8 -9.90 -21.26 -12.51
C PHE A 8 -10.81 -20.80 -11.37
N PHE A 9 -11.23 -21.76 -10.54
CA PHE A 9 -12.15 -21.50 -9.43
C PHE A 9 -13.47 -20.90 -9.94
N GLY A 10 -13.99 -21.47 -11.02
CA GLY A 10 -15.22 -20.99 -11.61
C GLY A 10 -15.10 -19.79 -12.52
N GLN A 11 -13.89 -19.32 -12.78
CA GLN A 11 -13.61 -18.11 -13.51
C GLN A 11 -12.89 -18.41 -14.82
N PRO A 12 -12.79 -17.44 -15.74
CA PRO A 12 -12.02 -17.66 -16.97
C PRO A 12 -10.58 -18.07 -16.66
N LEU A 13 -10.02 -18.88 -17.55
CA LEU A 13 -8.67 -19.42 -17.35
C LEU A 13 -7.61 -18.32 -17.32
N GLY A 14 -7.88 -17.17 -17.93
CA GLY A 14 -6.93 -16.07 -17.89
C GLY A 14 -6.69 -15.52 -16.50
N LEU A 15 -7.58 -15.81 -15.56
CA LEU A 15 -7.41 -15.30 -14.19
C LEU A 15 -6.18 -15.91 -13.54
N SER A 16 -5.94 -17.21 -13.76
CA SER A 16 -4.79 -17.86 -13.16
C SER A 16 -3.48 -17.18 -13.54
N THR A 17 -3.36 -16.76 -14.80
CA THR A 17 -2.18 -16.02 -15.23
C THR A 17 -2.04 -14.72 -14.45
N LEU A 18 -3.12 -13.95 -14.36
CA LEU A 18 -3.05 -12.67 -13.64
C LEU A 18 -3.01 -12.89 -12.14
N PHE A 19 -3.67 -13.94 -11.65
CA PHE A 19 -3.56 -14.31 -10.24
C PHE A 19 -2.11 -14.50 -9.83
N MET A 20 -1.35 -15.24 -10.65
CA MET A 20 0.04 -15.52 -10.30
C MET A 20 0.94 -14.32 -10.59
N THR A 21 0.61 -13.54 -11.64
CA THR A 21 1.39 -12.35 -11.95
C THR A 21 1.45 -11.40 -10.77
N GLU A 22 0.29 -11.18 -10.12
CA GLU A 22 0.23 -10.23 -9.02
C GLU A 22 0.74 -10.83 -7.72
N MET A 23 0.49 -12.13 -7.50
CA MET A 23 1.02 -12.80 -6.31
C MET A 23 2.53 -12.68 -6.25
N TRP A 24 3.21 -12.88 -7.37
CA TRP A 24 4.67 -12.85 -7.38
C TRP A 24 5.22 -11.43 -7.31
N GLU A 25 4.50 -10.45 -7.85
CA GLU A 25 4.89 -9.06 -7.65
C GLU A 25 4.71 -8.66 -6.19
N ARG A 26 3.59 -9.03 -5.59
CA ARG A 26 3.38 -8.75 -4.16
C ARG A 26 4.36 -9.53 -3.30
N PHE A 27 4.74 -10.74 -3.72
CA PHE A 27 5.82 -11.45 -3.05
C PHE A 27 7.11 -10.64 -3.10
N SER A 28 7.41 -10.04 -4.26
CA SER A 28 8.63 -9.25 -4.37
C SER A 28 8.53 -7.96 -3.57
N TYR A 29 7.35 -7.34 -3.55
CA TYR A 29 7.21 -6.07 -2.85
C TYR A 29 7.22 -6.26 -1.34
N TYR A 30 6.33 -7.11 -0.82
CA TYR A 30 6.20 -7.25 0.61
C TYR A 30 7.32 -8.07 1.24
N GLY A 31 7.99 -8.92 0.47
CA GLY A 31 9.22 -9.53 0.95
C GLY A 31 10.33 -8.53 1.12
N MET A 32 10.38 -7.51 0.24
CA MET A 32 11.36 -6.46 0.37
C MET A 32 11.05 -5.54 1.55
N ARG A 33 9.78 -5.17 1.71
CA ARG A 33 9.41 -4.29 2.82
C ARG A 33 9.48 -4.98 4.17
N ALA A 34 9.47 -6.31 4.20
CA ALA A 34 9.57 -7.02 5.47
C ALA A 34 10.95 -6.89 6.10
N ILE A 35 11.98 -6.58 5.30
CA ILE A 35 13.35 -6.49 5.79
C ILE A 35 14.00 -5.16 5.47
N LEU A 36 13.33 -4.27 4.73
CA LEU A 36 13.97 -3.04 4.29
C LEU A 36 14.30 -2.13 5.47
N LEU A 37 13.37 -1.98 6.41
CA LEU A 37 13.62 -1.14 7.57
C LEU A 37 14.78 -1.67 8.39
N TYR A 38 14.81 -2.99 8.63
CA TYR A 38 15.93 -3.59 9.34
C TYR A 38 17.22 -3.44 8.55
N TYR A 39 17.14 -3.45 7.22
CA TYR A 39 18.32 -3.23 6.39
C TYR A 39 18.87 -1.82 6.59
N MET A 40 17.98 -0.84 6.74
CA MET A 40 18.43 0.52 7.00
C MET A 40 18.98 0.66 8.42
N TRP A 41 18.40 -0.06 9.39
CA TRP A 41 18.99 -0.12 10.72
C TRP A 41 20.41 -0.66 10.66
N PHE A 42 20.63 -1.71 9.86
CA PHE A 42 21.95 -2.30 9.74
C PHE A 42 22.94 -1.33 9.09
N LEU A 43 22.53 -0.67 8.02
CA LEU A 43 23.40 0.32 7.39
C LEU A 43 23.68 1.49 8.33
N ILE A 44 22.71 1.85 9.17
CA ILE A 44 22.95 2.87 10.19
C ILE A 44 23.96 2.37 11.22
N SER A 45 23.80 1.12 11.66
CA SER A 45 24.67 0.59 12.71
C SER A 45 26.11 0.47 12.26
N THR A 46 26.35 0.27 10.96
CA THR A 46 27.70 0.17 10.43
C THR A 46 28.28 1.52 10.01
N GLY A 47 27.48 2.58 10.08
CA GLY A 47 27.95 3.91 9.70
C GLY A 47 27.87 4.21 8.23
N ASP A 48 27.28 3.33 7.42
CA ASP A 48 27.19 3.59 5.99
C ASP A 48 26.05 4.55 5.67
N LEU A 49 24.94 4.46 6.41
CA LEU A 49 23.79 5.33 6.22
C LEU A 49 23.72 6.29 7.41
N HIS A 50 23.93 7.58 7.14
CA HIS A 50 24.00 8.59 8.20
C HIS A 50 22.64 9.29 8.35
N ILE A 51 21.68 8.51 8.85
CA ILE A 51 20.37 9.04 9.23
C ILE A 51 19.97 8.41 10.57
N THR A 52 18.96 9.01 11.19
CA THR A 52 18.43 8.46 12.43
C THR A 52 17.40 7.38 12.11
N ARG A 53 17.12 6.55 13.12
CA ARG A 53 16.10 5.51 12.94
C ARG A 53 14.72 6.11 12.73
N ALA A 54 14.46 7.30 13.29
CA ALA A 54 13.21 7.98 13.02
C ALA A 54 13.11 8.39 11.56
N THR A 55 14.22 8.79 10.96
CA THR A 55 14.23 9.10 9.54
C THR A 55 14.02 7.85 8.69
N ALA A 56 14.66 6.75 9.08
CA ALA A 56 14.48 5.50 8.36
C ALA A 56 13.02 5.04 8.40
N ALA A 57 12.37 5.21 9.56
CA ALA A 57 10.95 4.89 9.66
C ALA A 57 10.13 5.81 8.78
N SER A 58 10.53 7.08 8.66
CA SER A 58 9.83 8.01 7.78
C SER A 58 10.08 7.69 6.32
N ILE A 59 11.24 7.11 6.00
CA ILE A 59 11.52 6.70 4.62
C ILE A 59 10.58 5.57 4.21
N MET A 60 10.33 4.62 5.10
CA MET A 60 9.43 3.51 4.79
C MET A 60 8.03 4.01 4.46
N ALA A 61 7.56 5.05 5.17
CA ALA A 61 6.20 5.54 4.96
C ALA A 61 6.09 6.30 3.65
N ILE A 62 6.96 7.28 3.43
CA ILE A 62 6.92 8.06 2.19
C ILE A 62 7.25 7.17 0.98
N TYR A 63 7.92 6.04 1.22
CA TYR A 63 8.10 5.05 0.15
C TYR A 63 6.77 4.49 -0.30
N ALA A 64 5.96 3.98 0.63
CA ALA A 64 4.67 3.42 0.29
C ALA A 64 3.73 4.48 -0.26
N SER A 65 3.81 5.71 0.26
CA SER A 65 2.93 6.77 -0.21
C SER A 65 3.20 7.11 -1.67
N MET A 66 4.46 7.08 -2.08
CA MET A 66 4.80 7.34 -3.47
C MET A 66 4.45 6.16 -4.37
N VAL A 67 4.51 4.94 -3.84
CA VAL A 67 4.18 3.76 -4.65
C VAL A 67 2.72 3.78 -5.06
N TYR A 68 1.83 4.09 -4.12
CA TYR A 68 0.40 4.11 -4.41
C TYR A 68 -0.01 5.38 -5.13
N LEU A 69 0.70 6.49 -4.89
CA LEU A 69 0.47 7.69 -5.67
C LEU A 69 0.85 7.48 -7.13
N SER A 70 1.93 6.74 -7.37
CA SER A 70 2.33 6.43 -8.74
C SER A 70 1.31 5.52 -9.44
N GLY A 71 0.54 4.75 -8.67
CA GLY A 71 -0.49 3.93 -9.27
C GLY A 71 -1.70 4.69 -9.73
N THR A 72 -1.86 5.95 -9.28
CA THR A 72 -2.99 6.76 -9.70
C THR A 72 -2.89 7.18 -11.16
N ILE A 73 -1.70 7.13 -11.75
CA ILE A 73 -1.51 7.57 -13.13
C ILE A 73 -1.16 6.42 -14.07
N GLY A 74 -0.77 5.26 -13.56
CA GLY A 74 -0.40 4.15 -14.43
C GLY A 74 -1.54 3.69 -15.32
N GLY A 75 -2.78 3.79 -14.83
CA GLY A 75 -3.91 3.46 -15.68
C GLY A 75 -4.06 4.42 -16.85
N PHE A 76 -3.75 5.69 -16.63
CA PHE A 76 -3.79 6.67 -17.72
C PHE A 76 -2.72 6.38 -18.76
N VAL A 77 -1.48 6.12 -18.32
CA VAL A 77 -0.39 5.89 -19.26
C VAL A 77 -0.65 4.64 -20.08
N ALA A 78 -1.28 3.62 -19.46
CA ALA A 78 -1.60 2.41 -20.20
C ALA A 78 -2.77 2.63 -21.14
N ASP A 79 -3.88 3.20 -20.64
CA ASP A 79 -5.07 3.37 -21.45
C ASP A 79 -4.88 4.34 -22.62
N ARG A 80 -3.86 5.21 -22.55
CA ARG A 80 -3.73 6.28 -23.53
C ARG A 80 -2.42 6.28 -24.31
N ILE A 81 -1.36 5.67 -23.80
CA ILE A 81 -0.05 5.81 -24.43
C ILE A 81 0.54 4.46 -24.82
N ILE A 82 0.77 3.59 -23.83
CA ILE A 82 1.56 2.40 -24.05
C ILE A 82 0.73 1.12 -24.10
N GLY A 83 -0.43 1.09 -23.48
CA GLY A 83 -1.20 -0.14 -23.46
C GLY A 83 -1.10 -0.84 -22.11
N ALA A 84 -2.16 -1.59 -21.77
CA ALA A 84 -2.23 -2.20 -20.45
C ALA A 84 -1.25 -3.36 -20.32
N ARG A 85 -1.12 -4.18 -21.36
CA ARG A 85 -0.26 -5.35 -21.30
C ARG A 85 1.22 -4.99 -21.35
N PRO A 86 1.66 -4.06 -22.21
CA PRO A 86 3.07 -3.61 -22.10
C PRO A 86 3.37 -2.89 -20.80
N ALA A 87 2.39 -2.21 -20.20
CA ALA A 87 2.62 -1.53 -18.94
C ALA A 87 2.93 -2.52 -17.83
N VAL A 88 2.20 -3.64 -17.78
CA VAL A 88 2.43 -4.65 -16.74
C VAL A 88 3.79 -5.29 -16.93
N PHE A 89 4.14 -5.65 -18.17
CA PHE A 89 5.42 -6.30 -18.43
C PHE A 89 6.58 -5.40 -18.07
N TRP A 90 6.67 -4.23 -18.72
CA TRP A 90 7.76 -3.30 -18.44
C TRP A 90 7.70 -2.76 -17.01
N GLY A 91 6.52 -2.74 -16.40
CA GLY A 91 6.44 -2.40 -14.99
C GLY A 91 7.14 -3.43 -14.12
N GLY A 92 6.91 -4.72 -14.42
CA GLY A 92 7.60 -5.77 -13.69
C GLY A 92 9.09 -5.79 -13.94
N VAL A 93 9.51 -5.40 -15.14
CA VAL A 93 10.94 -5.31 -15.44
C VAL A 93 11.59 -4.26 -14.54
N LEU A 94 10.94 -3.10 -14.39
CA LEU A 94 11.46 -2.07 -13.50
C LEU A 94 11.46 -2.53 -12.05
N ILE A 95 10.39 -3.22 -11.63
CA ILE A 95 10.34 -3.76 -10.27
C ILE A 95 11.46 -4.77 -10.06
N MET A 96 11.72 -5.61 -11.06
CA MET A 96 12.78 -6.60 -10.95
C MET A 96 14.15 -5.93 -10.81
N LEU A 97 14.41 -4.91 -11.64
CA LEU A 97 15.68 -4.21 -11.55
C LEU A 97 15.84 -3.51 -10.21
N GLY A 98 14.75 -3.01 -9.63
CA GLY A 98 14.83 -2.36 -8.34
C GLY A 98 15.31 -3.28 -7.24
N HIS A 99 14.88 -4.55 -7.28
CA HIS A 99 15.35 -5.52 -6.30
C HIS A 99 16.74 -6.04 -6.64
N ILE A 100 17.11 -6.06 -7.91
CA ILE A 100 18.47 -6.42 -8.29
C ILE A 100 19.46 -5.39 -7.77
N VAL A 101 19.07 -4.12 -7.77
CA VAL A 101 19.95 -3.05 -7.28
C VAL A 101 20.32 -3.32 -5.82
N LEU A 102 19.35 -3.69 -4.99
CA LEU A 102 19.64 -3.98 -3.59
C LEU A 102 20.41 -5.29 -3.42
N ALA A 103 20.43 -6.15 -4.43
CA ALA A 103 21.20 -7.39 -4.36
C ALA A 103 22.66 -7.18 -4.73
N LEU A 104 22.98 -6.09 -5.42
CA LEU A 104 24.36 -5.79 -5.78
C LEU A 104 25.17 -5.46 -4.54
N PRO A 105 26.49 -5.67 -4.58
CA PRO A 105 27.32 -5.43 -3.39
C PRO A 105 27.50 -3.95 -3.07
N PHE A 106 26.40 -3.21 -3.01
CA PHE A 106 26.40 -1.80 -2.64
C PHE A 106 25.84 -1.65 -1.23
N GLY A 107 25.70 -0.39 -0.81
CA GLY A 107 25.16 -0.09 0.50
C GLY A 107 24.05 0.94 0.46
N ALA A 108 24.26 2.07 1.12
CA ALA A 108 23.24 3.12 1.15
C ALA A 108 23.15 3.87 -0.17
N SER A 109 24.20 3.83 -0.99
CA SER A 109 24.18 4.54 -2.27
C SER A 109 23.15 3.98 -3.24
N ALA A 110 22.77 2.71 -3.07
CA ALA A 110 21.83 2.06 -3.97
C ALA A 110 20.39 2.13 -3.49
N LEU A 111 20.13 2.81 -2.37
CA LEU A 111 18.77 2.85 -1.84
C LEU A 111 17.85 3.68 -2.73
N PHE A 112 18.30 4.88 -3.12
CA PHE A 112 17.43 5.77 -3.88
C PHE A 112 17.12 5.20 -5.26
N GLY A 113 18.10 4.61 -5.92
CA GLY A 113 17.85 4.01 -7.22
C GLY A 113 16.84 2.88 -7.15
N SER A 114 16.96 2.01 -6.15
CA SER A 114 16.00 0.93 -5.99
C SER A 114 14.60 1.47 -5.71
N ILE A 115 14.50 2.53 -4.91
CA ILE A 115 13.20 3.09 -4.57
C ILE A 115 12.53 3.68 -5.80
N ILE A 116 13.30 4.42 -6.61
CA ILE A 116 12.72 5.05 -7.80
C ILE A 116 12.22 4.00 -8.79
N LEU A 117 13.02 2.95 -9.00
CA LEU A 117 12.63 1.90 -9.94
C LEU A 117 11.34 1.22 -9.50
N ILE A 118 11.22 0.90 -8.22
CA ILE A 118 10.03 0.19 -7.73
C ILE A 118 8.83 1.12 -7.71
N ILE A 119 9.03 2.41 -7.42
CA ILE A 119 7.92 3.37 -7.47
C ILE A 119 7.34 3.44 -8.88
N ILE A 120 8.21 3.57 -9.89
CA ILE A 120 7.75 3.67 -11.26
C ILE A 120 7.20 2.33 -11.74
N GLY A 121 7.92 1.24 -11.45
CA GLY A 121 7.47 -0.07 -11.91
C GLY A 121 6.13 -0.48 -11.34
N THR A 122 5.94 -0.25 -10.04
CA THR A 122 4.65 -0.58 -9.42
C THR A 122 3.54 0.30 -9.96
N GLY A 123 3.83 1.56 -10.26
CA GLY A 123 2.83 2.43 -10.86
C GLY A 123 2.34 1.92 -12.20
N PHE A 124 3.23 1.31 -12.97
CA PHE A 124 2.84 0.75 -14.27
C PHE A 124 2.06 -0.54 -14.11
N LEU A 125 2.52 -1.44 -13.22
CA LEU A 125 1.99 -2.78 -13.11
C LEU A 125 0.74 -2.86 -12.22
N LYS A 126 0.83 -2.31 -11.00
CA LYS A 126 -0.21 -2.54 -9.99
C LYS A 126 -1.63 -2.25 -10.46
N PRO A 127 -1.95 -1.06 -11.01
CA PRO A 127 -3.36 -0.81 -11.39
C PRO A 127 -3.77 -1.54 -12.66
N ASN A 128 -2.81 -1.79 -13.55
CA ASN A 128 -3.16 -2.37 -14.84
C ASN A 128 -3.36 -3.88 -14.79
N VAL A 129 -2.82 -4.56 -13.78
CA VAL A 129 -3.13 -5.98 -13.61
C VAL A 129 -4.59 -6.15 -13.24
N SER A 130 -5.09 -5.30 -12.34
CA SER A 130 -6.51 -5.33 -11.99
C SER A 130 -7.38 -4.96 -13.18
N THR A 131 -6.92 -4.01 -14.00
CA THR A 131 -7.63 -3.68 -15.23
C THR A 131 -7.72 -4.89 -16.14
N LEU A 132 -6.61 -5.61 -16.31
CA LEU A 132 -6.61 -6.80 -17.16
C LEU A 132 -7.47 -7.91 -16.57
N VAL A 133 -7.73 -7.91 -15.26
CA VAL A 133 -8.60 -8.91 -14.67
C VAL A 133 -10.04 -8.69 -15.12
N GLY A 134 -10.52 -7.45 -15.05
CA GLY A 134 -11.87 -7.13 -15.47
C GLY A 134 -12.09 -7.27 -16.97
N THR A 135 -11.01 -7.38 -17.75
CA THR A 135 -11.13 -7.63 -19.18
C THR A 135 -11.43 -9.08 -19.49
N LEU A 136 -11.38 -9.97 -18.49
CA LEU A 136 -11.83 -11.34 -18.67
C LEU A 136 -13.34 -11.47 -18.50
N TYR A 137 -14.00 -10.45 -17.98
CA TYR A 137 -15.43 -10.47 -17.72
C TYR A 137 -16.12 -9.41 -18.56
N ASP A 138 -17.18 -9.79 -19.26
CA ASP A 138 -18.05 -8.80 -19.87
C ASP A 138 -18.80 -8.04 -18.78
N GLU A 139 -19.30 -6.86 -19.16
CA GLU A 139 -19.93 -5.98 -18.17
C GLU A 139 -21.17 -6.61 -17.56
N HIS A 140 -21.88 -7.45 -18.30
CA HIS A 140 -23.05 -8.13 -17.75
C HIS A 140 -22.66 -9.24 -16.77
N ASP A 141 -21.44 -9.77 -16.89
CA ASP A 141 -21.06 -10.95 -16.11
C ASP A 141 -21.10 -10.65 -14.63
N ARG A 142 -21.62 -11.60 -13.86
CA ARG A 142 -21.84 -11.45 -12.43
C ARG A 142 -20.70 -12.03 -11.58
N ARG A 143 -19.73 -12.70 -12.20
CA ARG A 143 -18.62 -13.28 -11.47
C ARG A 143 -17.51 -12.27 -11.22
N ARG A 144 -17.74 -10.99 -11.54
CA ARG A 144 -16.73 -9.96 -11.36
C ARG A 144 -16.32 -9.84 -9.89
N ASP A 145 -17.31 -9.63 -9.01
CA ASP A 145 -17.02 -9.49 -7.58
C ASP A 145 -16.42 -10.78 -7.02
N ALA A 146 -16.83 -11.94 -7.55
CA ALA A 146 -16.20 -13.18 -7.11
C ALA A 146 -14.79 -13.30 -7.66
N GLY A 147 -14.56 -12.83 -8.89
CA GLY A 147 -13.25 -12.97 -9.49
C GLY A 147 -12.22 -12.04 -8.88
N PHE A 148 -12.64 -10.82 -8.52
CA PHE A 148 -11.72 -9.88 -7.89
C PHE A 148 -11.35 -10.31 -6.48
N SER A 149 -12.27 -10.97 -5.77
CA SER A 149 -11.95 -11.47 -4.44
C SER A 149 -10.94 -12.61 -4.51
N ILE A 150 -11.07 -13.48 -5.51
CA ILE A 150 -10.04 -14.48 -5.77
C ILE A 150 -8.72 -13.78 -6.08
N PHE A 151 -8.77 -12.70 -6.86
CA PHE A 151 -7.57 -11.94 -7.18
C PHE A 151 -6.95 -11.34 -5.92
N VAL A 152 -7.78 -10.87 -4.99
CA VAL A 152 -7.28 -10.32 -3.74
C VAL A 152 -6.56 -11.40 -2.92
N PHE A 153 -7.09 -12.63 -2.95
CA PHE A 153 -6.45 -13.72 -2.22
C PHE A 153 -5.03 -13.97 -2.73
N GLY A 154 -4.83 -13.85 -4.04
CA GLY A 154 -3.49 -13.98 -4.58
C GLY A 154 -2.57 -12.85 -4.19
N ILE A 155 -3.11 -11.64 -4.07
CA ILE A 155 -2.34 -10.52 -3.54
C ILE A 155 -1.84 -10.86 -2.14
N ASN A 156 -2.74 -11.35 -1.29
CA ASN A 156 -2.37 -11.63 0.09
C ASN A 156 -1.60 -12.94 0.24
N LEU A 157 -1.78 -13.88 -0.70
CA LEU A 157 -1.04 -15.12 -0.63
C LEU A 157 0.46 -14.88 -0.79
N GLY A 158 0.84 -14.15 -1.84
CA GLY A 158 2.23 -13.75 -1.98
C GLY A 158 2.69 -12.83 -0.86
N ALA A 159 1.80 -11.95 -0.39
CA ALA A 159 2.16 -11.08 0.72
C ALA A 159 2.38 -11.87 2.00
N PHE A 160 1.76 -13.05 2.10
CA PHE A 160 1.89 -13.86 3.31
C PHE A 160 3.17 -14.69 3.29
N ILE A 161 3.50 -15.30 2.15
CA ILE A 161 4.66 -16.16 2.10
C ILE A 161 5.95 -15.39 1.88
N ALA A 162 5.88 -14.12 1.49
CA ALA A 162 7.10 -13.37 1.21
C ALA A 162 7.95 -13.15 2.45
N PRO A 163 7.41 -12.67 3.59
CA PRO A 163 8.29 -12.50 4.77
C PRO A 163 8.83 -13.81 5.29
N LEU A 164 8.09 -14.91 5.16
CA LEU A 164 8.59 -16.20 5.62
C LEU A 164 9.83 -16.62 4.84
N ILE A 165 9.78 -16.54 3.51
CA ILE A 165 10.87 -17.02 2.68
C ILE A 165 12.00 -16.00 2.63
N VAL A 166 11.68 -14.73 2.42
CA VAL A 166 12.71 -13.70 2.32
C VAL A 166 13.31 -13.42 3.68
N GLY A 167 12.49 -13.37 4.72
CA GLY A 167 13.00 -13.10 6.06
C GLY A 167 13.95 -14.17 6.56
N ALA A 168 13.56 -15.44 6.37
CA ALA A 168 14.44 -16.54 6.76
C ALA A 168 15.73 -16.53 5.94
N ALA A 169 15.63 -16.19 4.65
CA ALA A 169 16.81 -16.11 3.81
C ALA A 169 17.75 -15.00 4.25
N GLN A 170 17.19 -13.90 4.77
CA GLN A 170 18.03 -12.81 5.25
C GLN A 170 18.85 -13.25 6.46
N GLU A 171 18.20 -13.88 7.44
CA GLU A 171 18.89 -14.27 8.65
C GLU A 171 19.86 -15.43 8.42
N ALA A 172 19.72 -16.14 7.30
CA ALA A 172 20.61 -17.25 6.96
C ALA A 172 21.75 -16.84 6.04
N ALA A 173 21.45 -16.21 4.91
CA ALA A 173 22.46 -15.88 3.91
C ALA A 173 22.70 -14.39 3.75
N GLY A 174 21.99 -13.54 4.48
CA GLY A 174 22.24 -12.12 4.46
C GLY A 174 21.19 -11.35 3.68
N TYR A 175 21.38 -10.03 3.66
CA TYR A 175 20.44 -9.13 3.01
C TYR A 175 20.52 -9.24 1.49
N HIS A 176 21.74 -9.18 0.95
CA HIS A 176 21.91 -9.19 -0.50
C HIS A 176 21.28 -10.43 -1.13
N VAL A 177 21.44 -11.59 -0.49
CA VAL A 177 20.78 -12.80 -0.96
C VAL A 177 19.27 -12.66 -0.84
N ALA A 178 18.80 -12.11 0.28
CA ALA A 178 17.36 -12.00 0.50
C ALA A 178 16.70 -11.07 -0.51
N PHE A 179 17.36 -9.95 -0.83
CA PHE A 179 16.81 -9.04 -1.83
C PHE A 179 16.86 -9.67 -3.22
N SER A 180 17.85 -10.54 -3.48
CA SER A 180 17.90 -11.22 -4.76
C SER A 180 16.71 -12.15 -4.94
N LEU A 181 16.29 -12.82 -3.85
CA LEU A 181 15.10 -13.66 -3.93
C LEU A 181 13.86 -12.84 -4.26
N ALA A 182 13.80 -11.60 -3.78
CA ALA A 182 12.70 -10.72 -4.16
C ALA A 182 12.73 -10.43 -5.66
N ALA A 183 13.92 -10.19 -6.21
CA ALA A 183 14.04 -10.02 -7.66
C ALA A 183 13.66 -11.29 -8.40
N ILE A 184 14.05 -12.45 -7.86
CA ILE A 184 13.67 -13.72 -8.46
C ILE A 184 12.15 -13.90 -8.41
N GLY A 185 11.52 -13.46 -7.32
CA GLY A 185 10.07 -13.56 -7.22
C GLY A 185 9.37 -12.77 -8.31
N MET A 186 9.87 -11.58 -8.63
CA MET A 186 9.30 -10.80 -9.74
C MET A 186 9.62 -11.45 -11.08
N PHE A 187 10.82 -12.01 -11.22
CA PHE A 187 11.20 -12.66 -12.46
C PHE A 187 10.30 -13.84 -12.76
N ILE A 188 9.91 -14.60 -11.71
CA ILE A 188 8.98 -15.72 -11.90
C ILE A 188 7.65 -15.20 -12.41
N GLY A 189 7.20 -14.05 -11.91
CA GLY A 189 5.96 -13.48 -12.38
C GLY A 189 6.02 -13.07 -13.83
N LEU A 190 7.17 -12.54 -14.26
CA LEU A 190 7.31 -12.12 -15.66
C LEU A 190 7.26 -13.31 -16.62
N LEU A 191 7.88 -14.43 -16.23
CA LEU A 191 7.84 -15.62 -17.08
C LEU A 191 6.41 -16.11 -17.27
N VAL A 192 5.66 -16.24 -16.18
CA VAL A 192 4.29 -16.72 -16.27
C VAL A 192 3.40 -15.69 -16.96
N TYR A 193 3.68 -14.40 -16.76
CA TYR A 193 2.84 -13.37 -17.37
C TYR A 193 3.09 -13.28 -18.87
N TYR A 194 4.36 -13.33 -19.30
CA TYR A 194 4.67 -13.21 -20.71
C TYR A 194 4.12 -14.38 -21.51
N PHE A 195 4.61 -15.59 -21.21
CA PHE A 195 4.20 -16.76 -21.98
C PHE A 195 2.76 -17.15 -21.69
N GLY A 196 2.32 -16.99 -20.44
CA GLY A 196 0.94 -17.28 -20.12
C GLY A 196 -0.02 -16.27 -20.73
N GLY A 197 0.38 -15.00 -20.78
CA GLY A 197 -0.48 -13.99 -21.36
C GLY A 197 -0.67 -14.17 -22.85
N LYS A 198 0.41 -14.52 -23.56
CA LYS A 198 0.31 -14.71 -25.01
C LYS A 198 -0.69 -15.79 -25.39
N LYS A 199 -1.04 -16.67 -24.47
CA LYS A 199 -1.95 -17.77 -24.78
C LYS A 199 -3.41 -17.46 -24.47
N THR A 200 -3.68 -16.65 -23.45
CA THR A 200 -5.05 -16.42 -23.01
C THR A 200 -5.48 -14.95 -22.97
N LEU A 201 -4.56 -14.00 -23.10
CA LEU A 201 -4.91 -12.59 -23.01
C LEU A 201 -5.32 -12.04 -24.37
N ASP A 202 -6.30 -11.15 -24.36
CA ASP A 202 -6.78 -10.53 -25.58
C ASP A 202 -5.70 -9.63 -26.17
N PRO A 203 -5.28 -9.85 -27.42
CA PRO A 203 -4.25 -8.98 -28.01
C PRO A 203 -4.72 -7.54 -28.22
N HIS A 204 -6.00 -7.25 -27.99
CA HIS A 204 -6.47 -5.87 -28.09
C HIS A 204 -5.86 -4.96 -27.03
N TYR A 205 -5.33 -5.53 -25.94
CA TYR A 205 -4.76 -4.74 -24.86
C TYR A 205 -3.23 -4.68 -24.92
N LEU A 206 -2.63 -5.14 -26.03
CA LEU A 206 -1.23 -4.86 -26.29
C LEU A 206 -0.99 -3.41 -26.69
N ARG A 207 -2.06 -2.65 -26.89
CA ARG A 207 -2.01 -1.25 -27.32
C ARG A 207 -2.97 -0.45 -26.45
N PRO A 208 -2.84 0.87 -26.44
CA PRO A 208 -3.79 1.69 -25.68
C PRO A 208 -5.19 1.60 -26.26
N THR A 209 -6.17 1.49 -25.36
CA THR A 209 -7.57 1.42 -25.78
C THR A 209 -8.15 2.80 -26.10
N ASP A 210 -7.58 3.86 -25.53
CA ASP A 210 -7.99 5.23 -25.83
C ASP A 210 -6.75 6.04 -26.21
N PRO A 211 -6.20 5.80 -27.40
CA PRO A 211 -4.98 6.51 -27.78
C PRO A 211 -5.23 8.01 -27.90
N LEU A 212 -4.18 8.78 -27.63
CA LEU A 212 -4.28 10.24 -27.67
C LEU A 212 -4.65 10.71 -29.07
N ALA A 213 -5.69 11.54 -29.16
CA ALA A 213 -6.01 12.18 -30.41
C ALA A 213 -4.89 13.13 -30.81
N PRO A 214 -4.77 13.44 -32.11
CA PRO A 214 -3.66 14.31 -32.54
C PRO A 214 -3.58 15.65 -31.80
N GLU A 215 -4.72 16.26 -31.50
CA GLU A 215 -4.73 17.56 -30.82
C GLU A 215 -4.56 17.44 -29.31
N GLU A 216 -4.44 16.23 -28.77
CA GLU A 216 -4.31 16.04 -27.33
C GLU A 216 -2.86 15.92 -26.87
N VAL A 217 -1.92 15.70 -27.79
CA VAL A 217 -0.53 15.44 -27.39
C VAL A 217 0.12 16.72 -26.86
N LYS A 218 -0.07 17.83 -27.57
CA LYS A 218 0.56 19.09 -27.14
C LYS A 218 0.09 19.56 -25.77
N PRO A 219 -1.21 19.66 -25.48
CA PRO A 219 -1.62 20.13 -24.14
C PRO A 219 -1.19 19.19 -23.03
N LEU A 220 -1.12 17.88 -23.29
CA LEU A 220 -0.60 16.96 -22.28
C LEU A 220 0.87 17.21 -22.03
N LEU A 221 1.66 17.40 -23.09
CA LEU A 221 3.08 17.68 -22.94
C LEU A 221 3.30 18.97 -22.16
N VAL A 222 2.50 20.00 -22.45
CA VAL A 222 2.56 21.24 -21.68
C VAL A 222 2.21 20.97 -20.23
N LYS A 223 1.16 20.18 -19.99
CA LYS A 223 0.74 19.89 -18.63
C LYS A 223 1.83 19.18 -17.84
N VAL A 224 2.46 18.17 -18.46
CA VAL A 224 3.54 17.45 -17.79
C VAL A 224 4.77 18.35 -17.63
N SER A 225 5.04 19.19 -18.62
CA SER A 225 6.22 20.05 -18.57
C SER A 225 6.10 21.07 -17.44
N LEU A 226 4.91 21.64 -17.26
CA LEU A 226 4.73 22.65 -16.21
C LEU A 226 4.87 22.03 -14.82
N ALA A 227 4.40 20.79 -14.65
CA ALA A 227 4.48 20.15 -13.34
C ALA A 227 5.92 19.82 -12.97
N VAL A 228 6.72 19.36 -13.94
CA VAL A 228 8.12 19.06 -13.67
C VAL A 228 8.91 20.34 -13.44
N ALA A 229 8.61 21.39 -14.21
CA ALA A 229 9.32 22.65 -14.05
C ALA A 229 9.05 23.26 -12.68
N GLY A 230 7.79 23.22 -12.23
CA GLY A 230 7.47 23.75 -10.91
C GLY A 230 8.07 22.92 -9.79
N PHE A 231 7.98 21.59 -9.89
CA PHE A 231 8.56 20.72 -8.87
C PHE A 231 10.06 20.89 -8.78
N ILE A 232 10.72 21.11 -9.92
CA ILE A 232 12.15 21.37 -9.92
C ILE A 232 12.44 22.77 -9.37
N ALA A 233 11.55 23.72 -9.67
CA ALA A 233 11.74 25.08 -9.17
C ALA A 233 11.67 25.12 -7.65
N ILE A 234 10.80 24.30 -7.05
CA ILE A 234 10.69 24.26 -5.60
C ILE A 234 11.96 23.69 -4.98
N ILE A 235 12.53 22.65 -5.59
CA ILE A 235 13.76 22.06 -5.07
C ILE A 235 14.92 23.04 -5.16
N VAL A 236 14.94 23.87 -6.21
CA VAL A 236 15.98 24.90 -6.31
C VAL A 236 15.82 25.91 -5.18
N VAL A 237 14.59 26.36 -4.93
CA VAL A 237 14.34 27.32 -3.87
C VAL A 237 14.74 26.75 -2.51
N MET A 238 14.48 25.46 -2.29
CA MET A 238 14.78 24.84 -1.01
C MET A 238 16.28 24.85 -0.72
N ASN A 239 17.11 24.59 -1.73
CA ASN A 239 18.55 24.57 -1.53
C ASN A 239 19.12 25.98 -1.36
N LEU A 240 18.44 27.01 -1.89
CA LEU A 240 18.91 28.37 -1.71
C LEU A 240 18.69 28.85 -0.28
N VAL A 241 17.58 28.43 0.34
CA VAL A 241 17.25 28.90 1.69
C VAL A 241 17.75 27.96 2.78
N GLY A 242 18.36 26.83 2.42
CA GLY A 242 18.91 25.92 3.40
C GLY A 242 18.03 24.75 3.78
N TRP A 243 16.89 24.56 3.12
CA TRP A 243 16.00 23.43 3.41
C TRP A 243 16.34 22.27 2.48
N ASN A 244 17.49 21.67 2.74
CA ASN A 244 18.07 20.68 1.84
C ASN A 244 18.35 19.33 2.50
N SER A 245 17.93 19.14 3.75
CA SER A 245 18.15 17.86 4.41
C SER A 245 17.19 16.81 3.86
N LEU A 246 17.46 15.56 4.20
CA LEU A 246 16.55 14.49 3.80
C LEU A 246 15.17 14.61 4.41
N PRO A 247 14.99 14.93 5.70
CA PRO A 247 13.64 15.20 6.20
C PRO A 247 12.96 16.35 5.49
N ALA A 248 13.72 17.31 4.96
CA ALA A 248 13.12 18.40 4.19
C ALA A 248 12.52 17.88 2.89
N TYR A 249 13.22 16.97 2.20
CA TYR A 249 12.67 16.38 0.99
C TYR A 249 11.48 15.49 1.30
N ILE A 250 11.50 14.79 2.44
CA ILE A 250 10.37 13.98 2.85
C ILE A 250 9.15 14.87 3.13
N ASN A 251 9.38 16.02 3.76
CA ASN A 251 8.28 16.96 4.01
C ASN A 251 7.71 17.48 2.70
N LEU A 252 8.57 17.67 1.68
CA LEU A 252 8.08 18.12 0.39
C LEU A 252 7.12 17.10 -0.22
N LEU A 253 7.52 15.83 -0.24
CA LEU A 253 6.65 14.78 -0.78
C LEU A 253 5.39 14.61 0.05
N THR A 254 5.48 14.86 1.35
CA THR A 254 4.29 14.81 2.20
C THR A 254 3.30 15.89 1.82
N ILE A 255 3.78 17.12 1.66
CA ILE A 255 2.91 18.23 1.26
C ILE A 255 2.33 17.98 -0.12
N VAL A 256 3.15 17.47 -1.05
CA VAL A 256 2.67 17.20 -2.39
C VAL A 256 1.59 16.12 -2.37
N ALA A 257 1.79 15.06 -1.58
CA ALA A 257 0.82 13.99 -1.54
C ALA A 257 -0.49 14.44 -0.92
N ILE A 258 -0.44 15.32 0.07
CA ILE A 258 -1.66 15.79 0.72
C ILE A 258 -2.30 16.93 -0.06
N ALA A 259 -1.51 17.72 -0.80
CA ALA A 259 -2.07 18.82 -1.57
C ALA A 259 -2.87 18.34 -2.77
N ILE A 260 -2.67 17.11 -3.21
CA ILE A 260 -3.38 16.59 -4.39
C ILE A 260 -4.86 16.40 -4.08
N PRO A 261 -5.25 15.68 -3.02
CA PRO A 261 -6.70 15.56 -2.75
C PRO A 261 -7.35 16.87 -2.33
N VAL A 262 -6.65 17.70 -1.55
CA VAL A 262 -7.27 18.94 -1.07
C VAL A 262 -7.44 19.94 -2.21
N PHE A 263 -6.58 19.88 -3.23
CA PHE A 263 -6.80 20.72 -4.40
C PHE A 263 -7.82 20.08 -5.34
N TYR A 264 -7.80 18.75 -5.47
CA TYR A 264 -8.81 18.06 -6.27
C TYR A 264 -10.20 18.13 -5.65
N PHE A 265 -10.29 18.42 -4.35
CA PHE A 265 -11.56 18.59 -3.66
C PHE A 265 -12.03 20.04 -3.60
N ALA A 266 -11.11 20.98 -3.37
CA ALA A 266 -11.52 22.37 -3.17
C ALA A 266 -12.15 22.96 -4.43
N TRP A 267 -11.62 22.60 -5.60
CA TRP A 267 -12.17 23.08 -6.86
C TRP A 267 -13.10 22.06 -7.53
N MET A 268 -13.34 20.92 -6.89
CA MET A 268 -14.42 20.05 -7.34
C MET A 268 -15.77 20.65 -7.04
N ILE A 269 -15.82 21.67 -6.17
CA ILE A 269 -17.07 22.29 -5.79
C ILE A 269 -17.67 23.06 -6.98
N SER A 270 -16.81 23.70 -7.77
CA SER A 270 -17.26 24.48 -8.92
C SER A 270 -16.41 24.17 -10.14
N THR A 275 -23.85 23.99 -9.54
CA THR A 275 -24.68 22.79 -9.61
C THR A 275 -24.90 22.20 -8.22
N SER A 276 -25.94 22.67 -7.54
CA SER A 276 -26.28 22.15 -6.22
C SER A 276 -26.88 20.76 -6.26
N THR A 277 -27.01 20.16 -7.46
CA THR A 277 -27.50 18.80 -7.57
C THR A 277 -26.65 17.85 -6.73
N GLU A 278 -25.33 17.92 -6.87
CA GLU A 278 -24.43 17.13 -6.05
C GLU A 278 -23.36 17.98 -5.37
N HIS A 279 -23.52 19.30 -5.37
CA HIS A 279 -22.64 20.17 -4.61
C HIS A 279 -22.50 19.69 -3.17
N LEU A 280 -23.62 19.30 -2.55
CA LEU A 280 -23.54 18.69 -1.23
C LEU A 280 -23.23 17.20 -1.31
N ARG A 281 -23.60 16.54 -2.41
CA ARG A 281 -23.30 15.11 -2.53
C ARG A 281 -21.83 14.88 -2.82
N VAL A 282 -21.14 15.86 -3.42
CA VAL A 282 -19.69 15.76 -3.55
C VAL A 282 -19.05 15.82 -2.16
N VAL A 283 -19.61 16.63 -1.27
CA VAL A 283 -19.09 16.74 0.10
C VAL A 283 -19.25 15.42 0.83
N SER A 284 -20.28 14.63 0.50
CA SER A 284 -20.52 13.38 1.20
C SER A 284 -19.35 12.41 1.08
N TYR A 285 -18.60 12.50 -0.02
CA TYR A 285 -17.40 11.68 -0.16
C TYR A 285 -16.37 12.01 0.92
N ILE A 286 -16.30 13.27 1.33
CA ILE A 286 -15.19 13.73 2.19
C ILE A 286 -15.08 12.91 3.47
N PRO A 287 -16.12 12.76 4.29
CA PRO A 287 -15.95 11.97 5.52
C PRO A 287 -15.54 10.53 5.26
N LEU A 288 -15.94 9.96 4.12
CA LEU A 288 -15.54 8.61 3.78
C LEU A 288 -14.08 8.57 3.34
N PHE A 289 -13.62 9.61 2.66
CA PHE A 289 -12.23 9.66 2.20
C PHE A 289 -11.28 9.91 3.36
N ILE A 290 -11.61 10.89 4.21
CA ILE A 290 -10.73 11.20 5.34
C ILE A 290 -10.68 10.03 6.31
N ALA A 291 -11.80 9.30 6.46
CA ALA A 291 -11.79 8.09 7.27
C ALA A 291 -10.88 7.03 6.65
N ALA A 292 -10.92 6.90 5.32
CA ALA A 292 -10.02 5.98 4.65
C ALA A 292 -8.56 6.36 4.86
N VAL A 293 -8.26 7.65 4.93
CA VAL A 293 -6.89 8.10 5.12
C VAL A 293 -6.37 7.64 6.48
N LEU A 294 -7.11 7.94 7.54
CA LEU A 294 -6.64 7.61 8.90
C LEU A 294 -6.54 6.11 9.11
N PHE A 295 -7.37 5.33 8.43
CA PHE A 295 -7.28 3.88 8.55
C PHE A 295 -6.03 3.35 7.86
N TRP A 296 -5.79 3.79 6.62
CA TRP A 296 -4.59 3.35 5.91
C TRP A 296 -3.34 3.81 6.63
N ALA A 297 -3.39 4.94 7.33
CA ALA A 297 -2.28 5.34 8.18
C ALA A 297 -2.01 4.29 9.25
N ILE A 298 -3.05 3.89 9.97
CA ILE A 298 -2.89 2.86 11.00
C ILE A 298 -2.45 1.54 10.40
N GLU A 299 -3.02 1.19 9.24
CA GLU A 299 -2.75 -0.11 8.65
C GLU A 299 -1.32 -0.18 8.10
N GLU A 300 -0.86 0.87 7.43
CA GLU A 300 0.48 0.87 6.85
C GLU A 300 1.58 1.03 7.89
N GLN A 301 1.24 1.45 9.11
CA GLN A 301 2.25 1.51 10.17
C GLN A 301 2.66 0.14 10.68
N GLY A 302 1.95 -0.92 10.28
CA GLY A 302 2.33 -2.26 10.71
C GLY A 302 3.70 -2.67 10.22
N SER A 303 4.09 -2.20 9.04
CA SER A 303 5.41 -2.46 8.49
C SER A 303 6.46 -1.48 8.99
N VAL A 304 6.07 -0.50 9.80
CA VAL A 304 7.00 0.52 10.28
C VAL A 304 7.03 0.49 11.81
N VAL A 305 5.94 0.94 12.44
CA VAL A 305 5.90 1.02 13.89
C VAL A 305 5.81 -0.37 14.50
N LEU A 306 4.88 -1.19 14.00
CA LEU A 306 4.74 -2.54 14.53
C LEU A 306 5.94 -3.41 14.16
N ALA A 307 6.60 -3.11 13.04
CA ALA A 307 7.86 -3.78 12.74
C ALA A 307 8.95 -3.35 13.70
N THR A 308 8.91 -2.10 14.16
CA THR A 308 9.86 -1.64 15.16
C THR A 308 9.55 -2.24 16.53
N PHE A 309 8.26 -2.36 16.87
CA PHE A 309 7.89 -2.95 18.16
C PHE A 309 8.27 -4.42 18.23
N ALA A 310 8.11 -5.14 17.12
CA ALA A 310 8.42 -6.57 17.12
C ALA A 310 9.91 -6.80 17.32
N ALA A 311 10.75 -5.93 16.76
CA ALA A 311 12.19 -6.10 16.82
C ALA A 311 12.80 -5.72 18.16
N GLU A 312 12.10 -4.91 18.97
CA GLU A 312 12.66 -4.36 20.19
C GLU A 312 11.93 -4.76 21.46
N ARG A 313 10.64 -5.09 21.39
CA ARG A 313 9.83 -5.31 22.58
C ARG A 313 9.20 -6.69 22.65
N VAL A 314 9.57 -7.59 21.73
CA VAL A 314 9.00 -8.94 21.67
C VAL A 314 10.13 -9.95 21.75
N ASP A 315 9.97 -10.97 22.59
CA ASP A 315 10.90 -12.09 22.63
C ASP A 315 10.58 -12.99 21.45
N SER A 316 11.27 -12.77 20.34
CA SER A 316 11.15 -13.58 19.13
C SER A 316 12.48 -14.24 18.80
N SER A 317 13.15 -14.77 19.84
CA SER A 317 14.50 -15.31 19.68
C SER A 317 14.53 -16.61 18.90
N TRP A 318 13.38 -17.22 18.59
CA TRP A 318 13.35 -18.51 17.94
C TRP A 318 12.78 -18.47 16.53
N PHE A 319 12.65 -17.28 15.93
CA PHE A 319 12.23 -17.16 14.55
C PHE A 319 12.56 -15.76 14.07
N PRO A 320 12.72 -15.56 12.75
CA PRO A 320 12.99 -14.20 12.23
C PRO A 320 11.84 -13.26 12.56
N VAL A 321 12.20 -12.07 13.06
CA VAL A 321 11.20 -11.11 13.49
C VAL A 321 10.40 -10.54 12.32
N SER A 322 10.94 -10.63 11.10
CA SER A 322 10.22 -10.15 9.92
C SER A 322 8.98 -10.98 9.61
N TRP A 323 8.83 -12.15 10.22
CA TRP A 323 7.67 -13.01 9.95
C TRP A 323 6.37 -12.40 10.47
N PHE A 324 6.44 -11.42 11.38
CA PHE A 324 5.23 -10.77 11.86
C PHE A 324 4.48 -10.05 10.76
N GLN A 325 5.17 -9.68 9.68
CA GLN A 325 4.49 -9.04 8.55
C GLN A 325 3.51 -9.97 7.85
N SER A 326 3.65 -11.29 8.06
CA SER A 326 2.71 -12.23 7.47
C SER A 326 1.37 -12.25 8.19
N LEU A 327 1.27 -11.64 9.37
CA LEU A 327 0.01 -11.66 10.11
C LEU A 327 -1.06 -10.81 9.42
N ASN A 328 -0.66 -9.72 8.77
CA ASN A 328 -1.63 -8.90 8.04
C ASN A 328 -2.31 -9.68 6.91
N PRO A 329 -1.59 -10.30 5.97
CA PRO A 329 -2.30 -11.08 4.94
C PRO A 329 -2.82 -12.42 5.41
N LEU A 330 -2.29 -12.98 6.49
CA LEU A 330 -2.82 -14.24 7.00
C LEU A 330 -4.25 -14.06 7.49
N PHE A 331 -4.49 -13.03 8.30
CA PHE A 331 -5.84 -12.78 8.81
C PHE A 331 -6.81 -12.48 7.68
N ILE A 332 -6.36 -11.83 6.62
CA ILE A 332 -7.22 -11.59 5.47
C ILE A 332 -7.56 -12.91 4.79
N MET A 333 -6.59 -13.82 4.68
CA MET A 333 -6.86 -15.13 4.08
C MET A 333 -7.83 -15.93 4.94
N LEU A 334 -7.86 -15.68 6.25
CA LEU A 334 -8.81 -16.36 7.14
C LEU A 334 -10.16 -15.66 7.14
N TYR A 335 -10.17 -14.33 7.05
CA TYR A 335 -11.42 -13.58 7.11
C TYR A 335 -12.21 -13.73 5.81
N THR A 336 -11.53 -13.88 4.68
CA THR A 336 -12.22 -13.95 3.39
C THR A 336 -13.27 -15.05 3.33
N PRO A 337 -13.00 -16.30 3.75
CA PRO A 337 -14.08 -17.30 3.67
C PRO A 337 -15.27 -16.96 4.57
N PHE A 338 -15.00 -16.54 5.81
CA PHE A 338 -16.07 -16.08 6.68
C PHE A 338 -16.80 -14.88 6.08
N PHE A 339 -16.05 -13.91 5.54
CA PHE A 339 -16.68 -12.68 5.06
C PHE A 339 -17.45 -12.91 3.75
N ALA A 340 -17.05 -13.89 2.95
CA ALA A 340 -17.87 -14.30 1.83
C ALA A 340 -19.21 -14.82 2.32
N TRP A 341 -19.19 -15.61 3.38
CA TRP A 341 -20.43 -16.12 3.97
C TRP A 341 -21.29 -14.98 4.51
N LEU A 342 -20.65 -13.96 5.10
CA LEU A 342 -21.39 -12.95 5.85
C LEU A 342 -22.20 -12.04 4.93
N TRP A 343 -21.59 -11.52 3.86
CA TRP A 343 -22.27 -10.53 3.05
C TRP A 343 -23.47 -11.10 2.31
N THR A 344 -23.39 -12.36 1.90
CA THR A 344 -24.52 -13.00 1.25
C THR A 344 -25.52 -13.58 2.23
N ALA A 345 -25.18 -13.64 3.52
CA ALA A 345 -26.11 -14.15 4.53
C ALA A 345 -27.02 -13.06 5.07
N TRP A 346 -26.44 -11.92 5.48
CA TRP A 346 -27.22 -10.80 5.96
C TRP A 346 -27.52 -9.84 4.80
N LYS A 347 -28.31 -10.35 3.86
CA LYS A 347 -28.75 -9.51 2.74
C LYS A 347 -29.69 -8.42 3.20
N LYS A 348 -30.49 -8.68 4.25
CA LYS A 348 -31.47 -7.70 4.67
C LYS A 348 -30.85 -6.56 5.47
N ASN A 349 -29.72 -6.82 6.14
CA ASN A 349 -29.08 -5.77 6.93
C ASN A 349 -28.46 -4.71 6.02
N GLN A 350 -27.59 -5.14 5.09
CA GLN A 350 -26.95 -4.26 4.13
C GLN A 350 -26.31 -3.06 4.82
N PRO A 351 -25.20 -3.24 5.53
CA PRO A 351 -24.56 -2.10 6.20
C PRO A 351 -24.18 -1.03 5.19
N SER A 352 -24.54 0.22 5.49
CA SER A 352 -24.19 1.33 4.63
C SER A 352 -22.67 1.51 4.60
N SER A 353 -22.15 1.80 3.42
CA SER A 353 -20.71 2.05 3.26
C SER A 353 -20.17 3.11 4.23
N PRO A 354 -20.86 4.23 4.50
CA PRO A 354 -20.33 5.14 5.53
C PRO A 354 -20.14 4.48 6.88
N THR A 355 -21.16 3.76 7.38
CA THR A 355 -21.05 3.11 8.67
C THR A 355 -19.86 2.16 8.74
N LYS A 356 -19.61 1.43 7.66
CA LYS A 356 -18.48 0.50 7.62
C LYS A 356 -17.16 1.23 7.86
N PHE A 357 -17.03 2.46 7.34
CA PHE A 357 -15.75 3.15 7.39
C PHE A 357 -15.38 3.56 8.81
N ALA A 358 -16.37 3.77 9.67
CA ALA A 358 -16.08 4.00 11.09
C ALA A 358 -15.64 2.71 11.77
N VAL A 359 -16.40 1.63 11.58
CA VAL A 359 -16.06 0.35 12.20
C VAL A 359 -14.66 -0.07 11.78
N GLY A 360 -14.31 0.16 10.52
CA GLY A 360 -12.94 -0.06 10.10
C GLY A 360 -11.96 0.85 10.82
N LEU A 361 -12.37 2.09 11.08
CA LEU A 361 -11.51 3.02 11.80
C LEU A 361 -11.49 2.70 13.29
N MET A 362 -12.65 2.34 13.86
CA MET A 362 -12.70 1.94 15.27
C MET A 362 -11.84 0.69 15.51
N PHE A 363 -11.98 -0.31 14.63
CA PHE A 363 -11.12 -1.49 14.71
C PHE A 363 -9.65 -1.11 14.62
N ALA A 364 -9.32 -0.22 13.67
CA ALA A 364 -7.94 0.25 13.57
C ALA A 364 -7.51 0.99 14.84
N GLY A 365 -8.40 1.83 15.38
CA GLY A 365 -8.11 2.46 16.66
C GLY A 365 -8.00 1.46 17.79
N LEU A 366 -8.82 0.40 17.75
CA LEU A 366 -8.73 -0.64 18.76
C LEU A 366 -7.39 -1.37 18.69
N SER A 367 -6.88 -1.57 17.46
CA SER A 367 -5.63 -2.29 17.31
C SER A 367 -4.47 -1.54 17.95
N PHE A 368 -4.48 -0.21 17.84
CA PHE A 368 -3.45 0.59 18.50
C PHE A 368 -3.72 0.72 20.00
N LEU A 369 -4.99 0.85 20.39
CA LEU A 369 -5.32 0.93 21.82
C LEU A 369 -4.89 -0.34 22.55
N LEU A 370 -5.09 -1.50 21.92
CA LEU A 370 -4.61 -2.75 22.50
C LEU A 370 -3.11 -2.73 22.70
N MET A 371 -2.37 -2.16 21.75
CA MET A 371 -0.92 -2.10 21.82
C MET A 371 -0.41 -1.11 22.86
N ALA A 372 -1.29 -0.29 23.44
CA ALA A 372 -0.88 0.60 24.52
C ALA A 372 -0.94 -0.09 25.88
N ILE A 373 -1.50 -1.29 25.96
CA ILE A 373 -1.70 -2.02 27.21
C ILE A 373 -0.41 -2.69 27.69
N PRO A 374 0.34 -3.42 26.85
CA PRO A 374 1.54 -4.10 27.38
C PRO A 374 2.55 -3.16 28.02
N GLY A 375 2.79 -1.99 27.42
CA GLY A 375 3.73 -1.05 27.99
C GLY A 375 3.22 -0.37 29.25
N ALA A 376 1.90 -0.26 29.41
CA ALA A 376 1.34 0.37 30.59
C ALA A 376 1.33 -0.57 31.79
N LEU A 377 1.26 -1.88 31.53
CA LEU A 377 1.16 -2.88 32.59
C LEU A 377 2.51 -3.49 32.95
N TYR A 378 3.34 -3.84 31.96
CA TYR A 378 4.63 -4.46 32.22
C TYR A 378 5.80 -3.49 32.09
N GLY A 379 5.59 -2.33 31.47
CA GLY A 379 6.67 -1.41 31.20
C GLY A 379 7.27 -1.61 29.83
N THR A 380 8.05 -0.61 29.40
CA THR A 380 8.72 -0.64 28.11
C THR A 380 10.17 -1.12 28.20
N SER A 381 10.66 -1.38 29.40
CA SER A 381 12.06 -1.76 29.60
C SER A 381 12.36 -3.21 29.22
N GLY A 382 11.35 -4.05 29.06
CA GLY A 382 11.59 -5.45 28.75
C GLY A 382 10.95 -5.94 27.47
N LYS A 383 10.70 -7.24 27.39
CA LYS A 383 10.07 -7.87 26.24
C LYS A 383 8.71 -8.43 26.63
N VAL A 384 7.76 -8.34 25.72
CA VAL A 384 6.40 -8.83 25.96
C VAL A 384 6.13 -10.02 25.06
N SER A 385 4.89 -10.52 25.11
CA SER A 385 4.47 -11.68 24.33
C SER A 385 4.21 -11.28 22.88
N PRO A 386 4.46 -12.20 21.94
CA PRO A 386 4.11 -11.94 20.53
C PRO A 386 2.61 -11.94 20.27
N LEU A 387 1.79 -12.44 21.20
CA LEU A 387 0.35 -12.47 20.99
C LEU A 387 -0.28 -11.08 21.05
N TRP A 388 0.43 -10.09 21.61
CA TRP A 388 -0.05 -8.71 21.54
C TRP A 388 -0.14 -8.23 20.09
N LEU A 389 0.90 -8.54 19.29
CA LEU A 389 0.85 -8.18 17.88
C LEU A 389 -0.15 -9.03 17.12
N VAL A 390 -0.28 -10.31 17.50
CA VAL A 390 -1.26 -11.18 16.86
C VAL A 390 -2.67 -10.64 17.09
N GLY A 391 -2.97 -10.24 18.32
CA GLY A 391 -4.25 -9.62 18.60
C GLY A 391 -4.41 -8.23 18.01
N SER A 392 -3.29 -7.52 17.78
CA SER A 392 -3.37 -6.19 17.18
C SER A 392 -3.65 -6.28 15.69
N TRP A 393 -2.92 -7.14 14.98
CA TRP A 393 -3.22 -7.35 13.57
C TRP A 393 -4.56 -8.04 13.36
N ALA A 394 -5.06 -8.77 14.36
CA ALA A 394 -6.38 -9.37 14.25
C ALA A 394 -7.47 -8.30 14.21
N LEU A 395 -7.25 -7.17 14.89
CA LEU A 395 -8.28 -6.14 14.98
C LEU A 395 -8.22 -5.18 13.80
N VAL A 396 -7.03 -4.87 13.30
CA VAL A 396 -6.92 -3.93 12.19
C VAL A 396 -7.31 -4.58 10.87
N ILE A 397 -7.01 -5.88 10.70
CA ILE A 397 -7.46 -6.59 9.52
C ILE A 397 -8.97 -6.73 9.52
N LEU A 398 -9.57 -6.89 10.70
CA LEU A 398 -11.02 -6.90 10.84
C LEU A 398 -11.63 -5.65 10.19
N GLY A 399 -11.07 -4.49 10.51
CA GLY A 399 -11.56 -3.27 9.88
C GLY A 399 -11.23 -3.19 8.41
N GLU A 400 -10.10 -3.76 7.99
CA GLU A 400 -9.75 -3.75 6.57
C GLU A 400 -10.75 -4.54 5.75
N MET A 401 -11.25 -5.66 6.30
CA MET A 401 -12.24 -6.44 5.60
C MET A 401 -13.52 -5.65 5.34
N LEU A 402 -13.93 -4.83 6.31
CA LEU A 402 -15.13 -4.02 6.13
C LEU A 402 -14.93 -2.98 5.02
N ILE A 403 -13.79 -2.29 5.05
CA ILE A 403 -13.51 -1.29 4.02
C ILE A 403 -12.92 -1.90 2.76
N SER A 404 -12.72 -3.22 2.74
CA SER A 404 -12.13 -3.85 1.55
C SER A 404 -13.00 -3.67 0.31
N PRO A 405 -14.32 -3.94 0.34
CA PRO A 405 -15.08 -3.63 -0.86
C PRO A 405 -15.83 -2.31 -0.74
N MET A 423 -13.45 4.50 -9.77
CA MET A 423 -12.03 4.77 -10.01
C MET A 423 -11.18 4.32 -8.83
N MET A 424 -10.23 3.42 -9.09
CA MET A 424 -9.33 2.95 -8.05
C MET A 424 -8.22 3.96 -7.73
N SER A 425 -8.04 4.99 -8.56
CA SER A 425 -7.00 5.97 -8.28
C SER A 425 -7.29 6.72 -6.98
N MET A 426 -8.54 7.11 -6.77
CA MET A 426 -8.93 7.69 -5.48
C MET A 426 -8.65 6.72 -4.35
N TRP A 427 -8.88 5.43 -4.59
CA TRP A 427 -8.52 4.40 -3.62
C TRP A 427 -7.01 4.38 -3.37
N PHE A 428 -6.23 4.39 -4.44
CA PHE A 428 -4.78 4.56 -4.31
C PHE A 428 -4.42 5.84 -3.58
N LEU A 429 -5.24 6.89 -3.74
CA LEU A 429 -4.89 8.20 -3.19
C LEU A 429 -5.05 8.24 -1.68
N SER A 430 -6.12 7.65 -1.16
CA SER A 430 -6.33 7.62 0.28
C SER A 430 -5.19 6.88 0.99
N SER A 431 -4.74 5.77 0.40
CA SER A 431 -3.60 5.04 0.96
C SER A 431 -2.33 5.88 0.89
N SER A 432 -2.17 6.66 -0.18
CA SER A 432 -0.97 7.49 -0.32
C SER A 432 -0.99 8.64 0.69
N VAL A 433 -2.14 9.27 0.88
CA VAL A 433 -2.23 10.35 1.87
C VAL A 433 -2.07 9.79 3.28
N GLY A 434 -2.72 8.66 3.56
CA GLY A 434 -2.56 8.05 4.87
C GLY A 434 -1.13 7.63 5.15
N SER A 435 -0.44 7.13 4.13
CA SER A 435 0.97 6.79 4.29
C SER A 435 1.85 8.03 4.32
N ALA A 436 1.45 9.09 3.60
CA ALA A 436 2.17 10.35 3.71
C ALA A 436 2.00 10.95 5.10
N LEU A 437 0.82 10.80 5.70
CA LEU A 437 0.64 11.20 7.09
C LEU A 437 1.51 10.39 8.02
N ASN A 438 1.75 9.12 7.69
CA ASN A 438 2.64 8.30 8.50
C ASN A 438 4.08 8.80 8.44
N ALA A 439 4.49 9.39 7.31
CA ALA A 439 5.86 9.87 7.19
C ALA A 439 6.21 10.90 8.24
N GLN A 440 5.21 11.60 8.77
CA GLN A 440 5.42 12.57 9.83
C GLN A 440 5.24 11.96 11.22
N LEU A 441 4.29 11.04 11.37
CA LEU A 441 3.91 10.55 12.69
C LEU A 441 4.88 9.51 13.22
N VAL A 442 5.39 8.62 12.35
CA VAL A 442 6.23 7.53 12.81
C VAL A 442 7.55 8.02 13.40
N THR A 443 7.96 9.26 13.10
CA THR A 443 9.14 9.83 13.73
C THR A 443 8.92 10.14 15.20
N LEU A 444 7.67 10.12 15.68
CA LEU A 444 7.36 10.35 17.08
C LEU A 444 7.44 9.09 17.92
N TYR A 445 7.53 7.92 17.29
CA TYR A 445 7.54 6.67 18.02
C TYR A 445 8.93 6.31 18.51
N ASN A 446 9.00 5.86 19.76
CA ASN A 446 10.23 5.35 20.36
C ASN A 446 9.84 4.63 21.65
N ALA A 447 10.84 4.14 22.38
CA ALA A 447 10.57 3.38 23.59
C ALA A 447 9.93 4.24 24.67
N LYS A 448 10.27 5.53 24.73
CA LYS A 448 9.77 6.40 25.77
C LYS A 448 8.38 6.97 25.45
N SER A 449 8.02 7.02 24.16
CA SER A 449 6.74 7.53 23.74
C SER A 449 5.75 6.42 23.38
N GLU A 450 6.12 5.16 23.65
CA GLU A 450 5.35 4.03 23.15
C GLU A 450 3.91 4.06 23.64
N VAL A 451 3.70 4.19 24.95
CA VAL A 451 2.36 4.10 25.51
C VAL A 451 1.51 5.29 25.06
N ALA A 452 2.08 6.49 25.14
CA ALA A 452 1.34 7.69 24.74
C ALA A 452 1.03 7.68 23.24
N TYR A 453 2.00 7.27 22.43
CA TYR A 453 1.78 7.18 20.98
C TYR A 453 0.63 6.24 20.66
N PHE A 454 0.69 5.02 21.20
CA PHE A 454 -0.37 4.04 20.93
C PHE A 454 -1.71 4.48 21.50
N SER A 455 -1.71 4.97 22.75
CA SER A 455 -2.97 5.28 23.40
C SER A 455 -3.66 6.49 22.77
N TYR A 456 -2.89 7.53 22.45
CA TYR A 456 -3.52 8.76 21.97
C TYR A 456 -3.90 8.68 20.50
N PHE A 457 -3.04 8.11 19.65
CA PHE A 457 -3.43 7.92 18.26
C PHE A 457 -4.49 6.85 18.10
N GLY A 458 -4.61 5.94 19.06
CA GLY A 458 -5.67 4.96 19.04
C GLY A 458 -6.97 5.51 19.58
N LEU A 459 -6.89 6.31 20.65
CA LEU A 459 -8.08 6.95 21.19
C LEU A 459 -8.65 7.97 20.20
N GLY A 460 -7.78 8.80 19.61
CA GLY A 460 -8.24 9.78 18.64
C GLY A 460 -8.88 9.14 17.42
N SER A 461 -8.41 7.94 17.04
CA SER A 461 -9.02 7.25 15.91
C SER A 461 -10.37 6.65 16.28
N VAL A 462 -10.58 6.32 17.55
CA VAL A 462 -11.86 5.78 17.98
C VAL A 462 -12.92 6.88 18.05
N VAL A 463 -12.57 8.02 18.66
CA VAL A 463 -13.52 9.11 18.77
C VAL A 463 -13.85 9.69 17.40
N LEU A 464 -12.90 9.59 16.46
CA LEU A 464 -13.20 9.98 15.08
C LEU A 464 -14.01 8.93 14.34
N GLY A 465 -14.19 7.75 14.93
CA GLY A 465 -15.11 6.76 14.40
C GLY A 465 -16.47 6.96 15.02
N ILE A 466 -16.50 7.53 16.23
CA ILE A 466 -17.76 7.82 16.90
C ILE A 466 -18.46 9.03 16.26
N VAL A 467 -17.67 10.02 15.83
CA VAL A 467 -18.28 11.16 15.14
C VAL A 467 -18.86 10.75 13.79
N LEU A 468 -18.43 9.61 13.24
CA LEU A 468 -18.95 9.19 11.94
C LEU A 468 -20.42 8.79 12.03
N VAL A 469 -20.84 8.23 13.17
CA VAL A 469 -22.23 7.81 13.34
C VAL A 469 -23.18 8.95 12.99
N PHE A 470 -22.93 10.12 13.56
CA PHE A 470 -23.73 11.30 13.24
C PHE A 470 -23.54 11.72 11.80
N LEU A 471 -22.29 11.70 11.32
CA LEU A 471 -22.00 12.14 9.96
C LEU A 471 -22.46 11.13 8.92
N SER A 472 -22.42 9.82 9.26
CA SER A 472 -22.99 8.82 8.37
C SER A 472 -24.48 9.05 8.16
N LYS A 473 -25.20 9.36 9.24
CA LYS A 473 -26.64 9.61 9.13
C LYS A 473 -26.94 10.71 8.13
N ARG A 474 -26.13 11.77 8.13
CA ARG A 474 -26.36 12.87 7.20
C ARG A 474 -25.92 12.50 5.79
N ILE A 475 -24.90 11.66 5.66
CA ILE A 475 -24.53 11.12 4.36
C ILE A 475 -25.57 10.11 3.89
N GLN A 476 -26.18 9.37 4.81
CA GLN A 476 -27.30 8.50 4.44
C GLN A 476 -28.42 9.32 3.82
N GLY A 477 -28.74 10.46 4.42
CA GLY A 477 -29.78 11.32 3.86
C GLY A 477 -29.44 11.81 2.46
N LEU A 478 -28.16 12.07 2.21
CA LEU A 478 -27.70 12.41 0.87
C LEU A 478 -27.47 11.14 0.05
N ALA B 1 -3.36 -6.89 3.39
CA ALA B 1 -2.35 -6.01 2.81
C ALA B 1 -2.80 -5.47 1.46
N PHE B 2 -2.35 -4.26 1.15
CA PHE B 2 -2.66 -3.64 -0.14
C PHE B 2 -1.97 -4.42 -1.26
#